data_8XXA
#
_entry.id   8XXA
#
_cell.length_a   64.508
_cell.length_b   61.051
_cell.length_c   99.808
_cell.angle_alpha   90.00
_cell.angle_beta   106.11
_cell.angle_gamma   90.00
#
_symmetry.space_group_name_H-M   'P 1 21 1'
#
loop_
_entity.id
_entity.type
_entity.pdbx_description
1 polymer alpha-amylase
2 branched alpha-D-glucopyranose-(1-4)-alpha-D-glucopyranose-(1-6)-[alpha-D-glucopyranose-(1-4)]alpha-D-glucopyranose-(1-4)-beta-D-glucopyranose
3 branched alpha-D-glucopyranose-(1-4)-alpha-D-glucopyranose-(1-4)-alpha-D-glucopyranose
4 non-polymer 'MANGANESE (II) ION'
5 non-polymer 'CALCIUM ION'
6 non-polymer '2-(N-MORPHOLINO)-ETHANESULFONIC ACID'
7 non-polymer 'TRIETHYLENE GLYCOL'
8 non-polymer DI(HYDROXYETHYL)ETHER
9 non-polymer GLYCEROL
10 water water
#
_entity_poly.entity_id   1
_entity_poly.type   'polypeptide(L)'
_entity_poly.pdbx_seq_one_letter_code
;GSGMKETAAAKFERQHMDSPDLGTDDDDKAMADIGIEDGINYDPNDPTRVTLSLYAPGKSFVYVIGDFTNWEVDPAYFMY
RDAPRPDSVHWWITIEGLTPGQEYAFQYFIDGELRLADLFAHKVLDPWHDPFIPSSTYPNLKPYPTGKTEGIVAVLQPGA
PQYQWQVTDFERPPAHELVIYELLIRDFVARHDYVTLIDTLDYLERLGVNAIELMPVAEFDGNISWGYNPAFHLALDKYY
GPADDLKRFVDECHRRGIAVILDVVYNHATGNSPLVQLYGPTADNPFINIPARHPFNVFYDLNHEHPYIQYWLDRANRYW
LEEFRVDGFRFALSKGFTQKYTDDDVGAWSAYDASRIRLLKRMADAIWAVDSTAYIILEHFADNQEEKELAAYGQDRGRA
GMLLWHNLNRAFSQSVMGYLNDPNFSSDLTTIYYKNRGFPTPNLIAYMESHDEQWLMYRMRAYGARQGAYDVRSLPVALD
RMKLAGAFFFTVPGPKMIWQFGELGYGYGERGEQCLEGTGDSCPSIAPGRIDPKPIRWDYRNDPLRMKLYRTWAELLRLR
REHAVFRSPETQVRMRLQHGVPGRWISLTHPELSVVVVGNFGLEPLVVTPTFPQTGTWYDYFNGDSLVVDDPNTGIELLP
GEFRLYTNRYVGQAE
;
_entity_poly.pdbx_strand_id   A
#
# COMPACT_ATOMS: atom_id res chain seq x y z
N ILE A 36 16.48 27.88 -5.07
CA ILE A 36 15.11 27.83 -5.66
C ILE A 36 14.93 26.46 -6.33
N GLU A 37 13.79 25.82 -6.11
CA GLU A 37 13.43 24.55 -6.78
C GLU A 37 12.19 24.86 -7.63
N ASP A 38 11.85 23.99 -8.58
CA ASP A 38 10.56 24.20 -9.28
C ASP A 38 9.46 24.05 -8.24
N GLY A 39 8.37 24.76 -8.47
CA GLY A 39 7.19 24.70 -7.61
C GLY A 39 7.02 25.99 -6.86
N ILE A 40 6.39 25.87 -5.71
CA ILE A 40 5.99 27.00 -4.84
C ILE A 40 7.03 27.09 -3.74
N ASN A 41 7.87 28.13 -3.80
CA ASN A 41 8.99 28.31 -2.84
C ASN A 41 8.57 29.36 -1.82
N TYR A 42 8.24 28.93 -0.62
CA TYR A 42 7.97 29.83 0.51
C TYR A 42 9.29 30.36 1.02
N ASP A 43 9.21 31.56 1.59
CA ASP A 43 10.35 32.19 2.29
C ASP A 43 10.08 31.99 3.78
N PRO A 44 10.90 31.16 4.46
CA PRO A 44 10.63 30.83 5.86
C PRO A 44 10.71 32.06 6.78
N ASN A 45 11.21 33.18 6.23
CA ASN A 45 11.38 34.42 7.02
C ASN A 45 10.62 35.58 6.42
N ASP A 46 9.71 35.33 5.49
CA ASP A 46 8.87 36.40 4.93
C ASP A 46 7.59 35.77 4.42
N PRO A 47 6.51 35.81 5.24
CA PRO A 47 5.23 35.21 4.85
C PRO A 47 4.40 36.10 3.90
N THR A 48 5.00 37.11 3.28
CA THR A 48 4.32 37.99 2.29
C THR A 48 4.74 37.65 0.87
N ARG A 49 5.64 36.71 0.69
CA ARG A 49 6.13 36.46 -0.69
C ARG A 49 6.32 34.97 -0.94
N VAL A 50 6.40 34.66 -2.22
CA VAL A 50 6.64 33.30 -2.72
C VAL A 50 7.44 33.44 -3.99
N THR A 51 8.26 32.47 -4.30
CA THR A 51 8.93 32.41 -5.61
C THR A 51 8.38 31.17 -6.33
N LEU A 52 7.90 31.39 -7.53
CA LEU A 52 7.32 30.32 -8.37
C LEU A 52 8.30 29.97 -9.48
N SER A 53 8.44 28.70 -9.77
CA SER A 53 9.37 28.22 -10.81
C SER A 53 8.75 27.02 -11.54
N LEU A 54 8.82 27.07 -12.86
CA LEU A 54 8.29 26.04 -13.81
C LEU A 54 9.45 25.59 -14.71
N TYR A 55 9.61 24.29 -14.92
CA TYR A 55 10.47 23.73 -15.97
C TYR A 55 9.64 23.66 -17.26
N ALA A 56 10.03 24.36 -18.32
CA ALA A 56 9.28 24.27 -19.58
C ALA A 56 10.14 24.73 -20.74
N PRO A 57 11.09 23.88 -21.16
CA PRO A 57 11.77 24.13 -22.42
C PRO A 57 10.76 24.21 -23.56
N GLY A 58 11.10 24.97 -24.60
CA GLY A 58 10.31 25.01 -25.84
C GLY A 58 9.14 26.01 -25.78
N LYS A 59 8.90 26.66 -24.63
CA LYS A 59 7.82 27.66 -24.54
C LYS A 59 8.35 29.04 -24.89
N SER A 60 7.45 29.98 -25.16
CA SER A 60 7.78 31.34 -25.65
C SER A 60 7.68 32.36 -24.52
N PHE A 61 6.65 32.24 -23.69
CA PHE A 61 6.43 33.21 -22.60
C PHE A 61 5.43 32.63 -21.61
N VAL A 62 5.51 33.10 -20.38
CA VAL A 62 4.62 32.60 -19.30
C VAL A 62 4.23 33.79 -18.43
N TYR A 63 2.96 33.96 -18.18
CA TYR A 63 2.46 34.84 -17.11
C TYR A 63 1.92 34.00 -15.98
N VAL A 64 2.16 34.42 -14.75
CA VAL A 64 1.39 33.88 -13.61
C VAL A 64 0.06 34.63 -13.59
N ILE A 65 -1.05 33.89 -13.55
CA ILE A 65 -2.40 34.47 -13.35
C ILE A 65 -2.93 33.88 -12.05
N GLY A 66 -3.70 34.64 -11.29
CA GLY A 66 -4.26 34.07 -10.07
C GLY A 66 -5.02 35.10 -9.30
N ASP A 67 -5.38 34.72 -8.07
CA ASP A 67 -6.18 35.64 -7.22
C ASP A 67 -5.44 36.98 -7.09
N PHE A 68 -4.12 36.95 -6.95
CA PHE A 68 -3.30 38.16 -6.70
C PHE A 68 -3.06 38.95 -7.99
N THR A 69 -3.51 38.47 -9.15
CA THR A 69 -3.53 39.26 -10.41
C THR A 69 -4.98 39.62 -10.78
N ASN A 70 -5.95 39.35 -9.90
CA ASN A 70 -7.39 39.43 -10.27
C ASN A 70 -7.67 38.57 -11.51
N TRP A 71 -6.90 37.50 -11.71
CA TRP A 71 -7.03 36.57 -12.87
C TRP A 71 -6.87 37.34 -14.19
N GLU A 72 -6.22 38.49 -14.15
CA GLU A 72 -5.82 39.23 -15.36
C GLU A 72 -4.38 38.89 -15.75
N VAL A 73 -4.10 39.10 -17.03
CA VAL A 73 -2.73 39.03 -17.61
C VAL A 73 -2.12 40.41 -17.40
N ASP A 74 -1.04 40.46 -16.62
CA ASP A 74 -0.45 41.72 -16.11
C ASP A 74 1.03 41.64 -16.37
N PRO A 75 1.65 42.67 -16.99
CA PRO A 75 3.08 42.65 -17.25
C PRO A 75 3.95 42.51 -15.99
N ALA A 76 3.45 42.84 -14.80
CA ALA A 76 4.18 42.65 -13.53
C ALA A 76 4.38 41.16 -13.23
N TYR A 77 3.58 40.30 -13.85
CA TYR A 77 3.55 38.84 -13.57
C TYR A 77 4.08 38.05 -14.77
N PHE A 78 4.83 38.69 -15.65
CA PHE A 78 5.55 38.08 -16.78
C PHE A 78 6.80 37.41 -16.24
N MET A 79 6.90 36.10 -16.39
CA MET A 79 7.94 35.32 -15.71
C MET A 79 9.28 35.50 -16.43
N TYR A 80 10.34 35.48 -15.65
CA TYR A 80 11.72 35.51 -16.16
C TYR A 80 12.04 34.15 -16.77
N ARG A 81 12.80 34.15 -17.85
CA ARG A 81 13.26 32.91 -18.50
C ARG A 81 14.71 32.66 -18.10
N ASP A 82 14.99 31.59 -17.37
CA ASP A 82 16.39 31.21 -17.02
C ASP A 82 16.76 30.02 -17.90
N ALA A 83 17.65 30.23 -18.85
CA ALA A 83 17.91 29.25 -19.94
C ALA A 83 19.41 29.13 -20.19
N PRO A 84 20.19 28.52 -19.27
CA PRO A 84 21.61 28.27 -19.51
C PRO A 84 21.83 27.30 -20.70
N ARG A 85 20.84 26.48 -21.01
CA ARG A 85 20.81 25.54 -22.16
C ARG A 85 19.36 25.40 -22.61
N PRO A 86 19.06 25.14 -23.90
CA PRO A 86 17.67 25.08 -24.38
C PRO A 86 16.81 24.00 -23.69
N ASP A 87 17.43 22.95 -23.13
CA ASP A 87 16.75 21.83 -22.43
C ASP A 87 16.74 22.05 -20.91
N SER A 88 17.19 23.22 -20.45
CA SER A 88 17.33 23.51 -19.00
C SER A 88 16.61 24.84 -18.70
N VAL A 89 15.44 25.03 -19.30
CA VAL A 89 14.70 26.32 -19.23
C VAL A 89 13.74 26.27 -18.06
N HIS A 90 13.95 27.16 -17.09
CA HIS A 90 13.05 27.39 -15.95
C HIS A 90 12.53 28.83 -16.02
N TRP A 91 11.23 28.96 -15.82
CA TRP A 91 10.52 30.23 -15.78
C TRP A 91 10.25 30.53 -14.31
N TRP A 92 10.61 31.73 -13.85
CA TRP A 92 10.45 32.02 -12.41
C TRP A 92 10.01 33.46 -12.19
N ILE A 93 9.41 33.68 -11.03
CA ILE A 93 9.03 35.05 -10.61
C ILE A 93 8.89 35.04 -9.10
N THR A 94 9.22 36.17 -8.46
CA THR A 94 8.91 36.33 -7.03
C THR A 94 7.67 37.20 -6.92
N ILE A 95 6.67 36.68 -6.23
CA ILE A 95 5.39 37.39 -5.99
C ILE A 95 5.44 37.97 -4.58
N GLU A 96 5.25 39.29 -4.49
CA GLU A 96 5.40 40.06 -3.24
C GLU A 96 4.03 40.58 -2.84
N GLY A 97 3.91 41.04 -1.61
CA GLY A 97 2.72 41.77 -1.16
C GLY A 97 1.53 40.87 -0.86
N LEU A 98 1.76 39.58 -0.58
CA LEU A 98 0.66 38.68 -0.19
C LEU A 98 0.36 38.82 1.31
N THR A 99 -0.85 38.46 1.69
CA THR A 99 -1.28 38.53 3.09
C THR A 99 -0.89 37.24 3.77
N PRO A 100 -0.12 37.29 4.88
CA PRO A 100 0.23 36.08 5.60
C PRO A 100 -1.02 35.26 5.99
N GLY A 101 -0.96 33.96 5.71
CA GLY A 101 -2.01 32.98 6.06
C GLY A 101 -3.11 32.89 5.03
N GLN A 102 -3.15 33.77 4.03
CA GLN A 102 -4.24 33.77 3.03
C GLN A 102 -3.90 32.75 1.93
N GLU A 103 -4.91 32.01 1.48
CA GLU A 103 -4.80 31.12 0.32
C GLU A 103 -4.99 31.90 -0.97
N TYR A 104 -4.19 31.57 -1.97
CA TYR A 104 -4.28 32.17 -3.31
C TYR A 104 -4.24 31.08 -4.36
N ALA A 105 -5.25 31.09 -5.23
CA ALA A 105 -5.28 30.18 -6.38
C ALA A 105 -4.49 30.82 -7.52
N PHE A 106 -3.84 30.00 -8.34
CA PHE A 106 -3.05 30.50 -9.47
C PHE A 106 -2.85 29.41 -10.50
N GLN A 107 -2.47 29.85 -11.68
CA GLN A 107 -2.01 29.00 -12.79
C GLN A 107 -0.84 29.69 -13.49
N TYR A 108 -0.10 28.90 -14.24
CA TYR A 108 0.85 29.42 -15.25
C TYR A 108 0.10 29.52 -16.56
N PHE A 109 0.04 30.70 -17.17
CA PHE A 109 -0.62 30.92 -18.46
C PHE A 109 0.49 30.98 -19.49
N ILE A 110 0.66 29.89 -20.22
CA ILE A 110 1.85 29.63 -21.09
C ILE A 110 1.47 29.89 -22.53
N ASP A 111 2.21 30.76 -23.23
CA ASP A 111 2.11 30.96 -24.69
C ASP A 111 0.72 31.43 -25.10
N GLY A 112 -0.04 32.03 -24.19
CA GLY A 112 -1.41 32.50 -24.46
C GLY A 112 -2.35 31.35 -24.77
N GLU A 113 -1.97 30.10 -24.45
CA GLU A 113 -2.78 28.95 -24.94
C GLU A 113 -2.99 27.85 -23.89
N LEU A 114 -2.25 27.84 -22.81
CA LEU A 114 -2.25 26.72 -21.83
C LEU A 114 -2.34 27.29 -20.42
N ARG A 115 -3.30 26.86 -19.63
CA ARG A 115 -3.47 27.26 -18.21
C ARG A 115 -3.13 26.05 -17.35
N LEU A 116 -1.96 26.09 -16.69
CA LEU A 116 -1.36 24.93 -16.01
C LEU A 116 -1.26 25.20 -14.51
N ALA A 117 -1.85 24.35 -13.68
CA ALA A 117 -1.56 24.28 -12.23
C ALA A 117 -0.15 23.71 -12.06
N ASP A 118 0.57 24.19 -11.07
CA ASP A 118 1.96 23.76 -10.79
C ASP A 118 2.03 22.23 -10.63
N LEU A 119 2.97 21.62 -11.36
CA LEU A 119 3.37 20.20 -11.17
C LEU A 119 3.58 19.85 -9.69
N PHE A 120 4.16 20.78 -8.94
CA PHE A 120 4.54 20.54 -7.53
C PHE A 120 3.54 21.17 -6.58
N ALA A 121 2.32 21.49 -7.04
CA ALA A 121 1.26 21.96 -6.12
C ALA A 121 1.04 20.93 -5.02
N HIS A 122 0.78 21.42 -3.80
CA HIS A 122 0.43 20.54 -2.67
C HIS A 122 -1.06 20.59 -2.38
N LYS A 123 -1.77 21.48 -3.04
CA LYS A 123 -3.24 21.59 -2.95
C LYS A 123 -3.73 22.19 -4.26
N VAL A 124 -4.82 21.64 -4.79
CA VAL A 124 -5.45 22.19 -6.01
C VAL A 124 -6.94 22.37 -5.74
N LEU A 125 -7.55 23.26 -6.51
CA LEU A 125 -9.02 23.34 -6.58
C LEU A 125 -9.45 22.80 -7.94
N ASP A 126 -10.34 21.83 -7.87
CA ASP A 126 -10.83 21.08 -9.05
C ASP A 126 -12.24 21.57 -9.31
N PRO A 127 -12.49 22.31 -10.41
CA PRO A 127 -13.79 22.97 -10.57
C PRO A 127 -14.92 21.96 -10.78
N TRP A 128 -14.60 20.81 -11.36
CA TRP A 128 -15.60 19.77 -11.70
C TRP A 128 -16.02 19.01 -10.45
N HIS A 129 -15.09 18.70 -9.56
CA HIS A 129 -15.33 17.71 -8.49
C HIS A 129 -15.38 18.35 -7.12
N ASP A 130 -14.76 19.52 -6.91
CA ASP A 130 -14.80 20.14 -5.56
C ASP A 130 -16.23 20.42 -5.10
N PRO A 131 -17.20 20.79 -5.96
CA PRO A 131 -18.54 21.04 -5.47
C PRO A 131 -19.18 19.84 -4.77
N PHE A 132 -18.67 18.64 -5.01
CA PHE A 132 -19.22 17.40 -4.40
C PHE A 132 -18.58 17.08 -3.06
N ILE A 133 -17.57 17.84 -2.64
CA ILE A 133 -16.90 17.56 -1.34
C ILE A 133 -17.73 18.24 -0.26
N PRO A 134 -18.33 17.46 0.68
CA PRO A 134 -19.12 18.04 1.78
C PRO A 134 -18.25 18.99 2.63
N SER A 135 -18.81 20.07 3.23
CA SER A 135 -18.07 20.90 4.22
C SER A 135 -17.67 20.06 5.43
N SER A 136 -18.38 18.96 5.68
CA SER A 136 -18.01 18.05 6.79
C SER A 136 -16.74 17.27 6.44
N THR A 137 -16.41 17.17 5.16
CA THR A 137 -15.17 16.49 4.73
C THR A 137 -14.02 17.50 4.75
N TYR A 138 -14.25 18.70 4.21
CA TYR A 138 -13.17 19.69 4.06
C TYR A 138 -13.75 21.04 4.44
N PRO A 139 -13.71 21.37 5.74
CA PRO A 139 -14.30 22.62 6.20
C PRO A 139 -13.70 23.85 5.52
N ASN A 140 -14.57 24.81 5.21
CA ASN A 140 -14.17 26.16 4.73
C ASN A 140 -13.35 26.02 3.45
N LEU A 141 -13.68 25.07 2.58
CA LEU A 141 -12.90 24.88 1.34
C LEU A 141 -12.99 26.14 0.49
N LYS A 142 -11.84 26.62 0.05
CA LYS A 142 -11.73 27.80 -0.82
C LYS A 142 -12.54 27.54 -2.08
N PRO A 143 -13.48 28.45 -2.42
CA PRO A 143 -14.22 28.36 -3.66
C PRO A 143 -13.32 28.46 -4.90
N TYR A 144 -13.66 27.70 -5.92
CA TYR A 144 -13.01 27.81 -7.23
C TYR A 144 -13.30 29.20 -7.80
N PRO A 145 -12.34 29.83 -8.53
CA PRO A 145 -12.60 31.13 -9.18
C PRO A 145 -13.45 31.05 -10.45
N THR A 146 -14.70 30.65 -10.28
CA THR A 146 -15.62 30.37 -11.40
C THR A 146 -15.73 31.63 -12.26
N GLY A 147 -15.63 31.44 -13.57
CA GLY A 147 -15.79 32.54 -14.53
C GLY A 147 -14.50 33.31 -14.75
N LYS A 148 -13.45 33.09 -13.94
CA LYS A 148 -12.21 33.91 -14.03
C LYS A 148 -11.12 33.14 -14.77
N THR A 149 -11.21 31.83 -14.71
CA THR A 149 -10.31 30.93 -15.44
C THR A 149 -11.04 29.60 -15.64
N GLU A 150 -10.35 28.66 -16.24
CA GLU A 150 -10.84 27.29 -16.38
C GLU A 150 -9.71 26.30 -16.07
N GLY A 151 -10.11 25.09 -15.71
CA GLY A 151 -9.17 24.00 -15.41
C GLY A 151 -8.75 24.04 -13.95
N ILE A 152 -8.01 23.02 -13.56
CA ILE A 152 -7.56 22.90 -12.16
C ILE A 152 -6.63 24.08 -11.88
N VAL A 153 -6.75 24.64 -10.70
CA VAL A 153 -5.86 25.73 -10.23
C VAL A 153 -5.03 25.20 -9.07
N ALA A 154 -3.79 25.69 -8.94
CA ALA A 154 -2.97 25.41 -7.75
C ALA A 154 -3.31 26.39 -6.62
N VAL A 155 -3.04 26.00 -5.38
CA VAL A 155 -3.24 26.90 -4.23
C VAL A 155 -1.90 27.07 -3.51
N LEU A 156 -1.52 28.33 -3.28
CA LEU A 156 -0.39 28.65 -2.42
C LEU A 156 -0.90 29.40 -1.19
N GLN A 157 -0.15 29.31 -0.12
CA GLN A 157 -0.56 29.93 1.15
C GLN A 157 0.69 30.26 1.92
N PRO A 158 1.20 31.49 1.80
CA PRO A 158 2.35 31.90 2.59
C PRO A 158 1.93 32.08 4.05
N GLY A 159 2.86 31.90 4.97
CA GLY A 159 2.56 31.96 6.41
C GLY A 159 1.43 31.02 6.83
N ALA A 160 1.39 29.81 6.25
CA ALA A 160 0.37 28.82 6.64
C ALA A 160 0.64 28.40 8.08
N PRO A 161 -0.42 28.28 8.91
CA PRO A 161 -0.28 27.71 10.25
C PRO A 161 0.33 26.31 10.17
N GLN A 162 1.24 26.00 11.10
CA GLN A 162 1.99 24.72 11.08
C GLN A 162 1.37 23.80 12.12
N TYR A 163 0.97 22.60 11.72
CA TYR A 163 0.60 21.53 12.68
C TYR A 163 1.73 21.35 13.70
N GLN A 164 1.38 21.24 14.98
CA GLN A 164 2.37 21.02 16.07
C GLN A 164 2.46 19.52 16.36
N TRP A 165 3.49 18.88 15.82
CA TRP A 165 3.74 17.43 15.96
C TRP A 165 4.01 17.10 17.43
N GLN A 166 3.35 16.06 17.95
CA GLN A 166 3.35 15.72 19.40
C GLN A 166 4.33 14.60 19.70
N VAL A 167 4.40 13.57 18.86
CA VAL A 167 5.25 12.37 19.13
C VAL A 167 6.70 12.70 18.75
N THR A 168 7.62 12.46 19.68
CA THR A 168 9.06 12.79 19.50
C THR A 168 9.90 11.50 19.40
N ASP A 169 9.52 10.43 20.10
CA ASP A 169 10.40 9.23 20.28
C ASP A 169 9.76 7.96 19.68
N PHE A 170 9.10 8.07 18.51
CA PHE A 170 8.53 6.89 17.81
C PHE A 170 9.67 6.16 17.09
N GLU A 171 9.68 4.83 17.23
CA GLU A 171 10.71 3.97 16.61
C GLU A 171 9.99 3.10 15.61
N ARG A 172 10.30 3.27 14.33
CA ARG A 172 9.51 2.49 13.33
C ARG A 172 9.95 1.04 13.49
N PRO A 173 8.98 0.11 13.32
CA PRO A 173 9.29 -1.31 13.35
C PRO A 173 10.42 -1.65 12.39
N PRO A 174 11.23 -2.69 12.69
CA PRO A 174 12.17 -3.19 11.70
C PRO A 174 11.43 -3.58 10.42
N ALA A 175 12.00 -3.26 9.25
CA ALA A 175 11.32 -3.49 7.96
C ALA A 175 10.88 -4.97 7.88
N HIS A 176 11.73 -5.91 8.31
CA HIS A 176 11.42 -7.35 8.16
C HIS A 176 10.37 -7.81 9.16
N GLU A 177 9.96 -6.98 10.10
CA GLU A 177 8.92 -7.32 11.11
C GLU A 177 7.59 -6.62 10.79
N LEU A 178 7.50 -5.92 9.66
CA LEU A 178 6.23 -5.22 9.36
C LEU A 178 5.06 -6.21 9.30
N VAL A 179 3.96 -5.81 9.90
CA VAL A 179 2.65 -6.47 9.79
C VAL A 179 1.71 -5.34 9.39
N ILE A 180 1.41 -5.29 8.11
CA ILE A 180 0.81 -4.10 7.44
C ILE A 180 -0.68 -4.32 7.25
N TYR A 181 -1.46 -3.30 7.58
CA TYR A 181 -2.91 -3.27 7.30
C TYR A 181 -3.14 -2.37 6.10
N GLU A 182 -3.53 -2.98 4.98
CA GLU A 182 -3.83 -2.20 3.76
C GLU A 182 -5.25 -1.65 3.89
N LEU A 183 -5.36 -0.34 3.71
CA LEU A 183 -6.56 0.45 4.03
C LEU A 183 -6.91 1.33 2.84
N LEU A 184 -8.15 1.24 2.36
CA LEU A 184 -8.70 2.18 1.36
C LEU A 184 -9.62 3.15 2.10
N ILE A 185 -9.24 4.41 2.20
CA ILE A 185 -10.00 5.37 3.04
C ILE A 185 -11.46 5.42 2.58
N ARG A 186 -11.66 5.43 1.26
CA ARG A 186 -13.01 5.50 0.64
C ARG A 186 -13.95 4.44 1.22
N ASP A 187 -13.48 3.22 1.42
CA ASP A 187 -14.36 2.07 1.76
C ASP A 187 -14.07 1.57 3.18
N PHE A 188 -13.17 2.20 3.91
CA PHE A 188 -12.88 1.76 5.29
C PHE A 188 -13.84 2.41 6.27
N VAL A 189 -14.17 3.67 6.06
CA VAL A 189 -15.14 4.41 6.91
C VAL A 189 -16.05 5.21 6.00
N ALA A 190 -17.34 5.24 6.33
CA ALA A 190 -18.33 5.94 5.49
C ALA A 190 -17.93 7.41 5.30
N ARG A 191 -17.37 8.06 6.32
CA ARG A 191 -17.00 9.50 6.20
C ARG A 191 -15.71 9.68 5.38
N HIS A 192 -15.04 8.58 5.02
CA HIS A 192 -13.89 8.60 4.08
C HIS A 192 -12.91 9.74 4.42
N ASP A 193 -12.54 9.91 5.69
CA ASP A 193 -11.68 11.06 6.02
C ASP A 193 -10.70 10.72 7.14
N TYR A 194 -9.64 11.52 7.22
CA TYR A 194 -8.56 11.34 8.21
C TYR A 194 -9.09 11.45 9.62
N VAL A 195 -9.97 12.40 9.89
CA VAL A 195 -10.45 12.58 11.30
C VAL A 195 -11.21 11.33 11.73
N THR A 196 -11.93 10.66 10.83
CA THR A 196 -12.67 9.45 11.21
C THR A 196 -11.69 8.27 11.32
N LEU A 197 -10.65 8.18 10.47
CA LEU A 197 -9.63 7.12 10.57
C LEU A 197 -9.06 7.07 11.98
N ILE A 198 -8.79 8.23 12.57
CA ILE A 198 -8.18 8.29 13.94
C ILE A 198 -9.02 7.45 14.91
N ASP A 199 -10.34 7.43 14.74
CA ASP A 199 -11.28 6.73 15.66
C ASP A 199 -11.26 5.21 15.46
N THR A 200 -10.56 4.70 14.44
CA THR A 200 -10.45 3.24 14.19
C THR A 200 -9.16 2.69 14.81
N LEU A 201 -8.30 3.53 15.40
CA LEU A 201 -6.95 3.03 15.75
C LEU A 201 -6.99 2.09 16.95
N ASP A 202 -7.96 2.21 17.87
CA ASP A 202 -8.04 1.21 18.97
C ASP A 202 -8.27 -0.19 18.38
N TYR A 203 -9.16 -0.26 17.40
CA TYR A 203 -9.53 -1.52 16.69
C TYR A 203 -8.29 -2.09 15.99
N LEU A 204 -7.59 -1.27 15.22
CA LEU A 204 -6.38 -1.74 14.50
C LEU A 204 -5.25 -2.08 15.46
N GLU A 205 -5.03 -1.29 16.51
CA GLU A 205 -3.93 -1.57 17.45
C GLU A 205 -4.21 -2.91 18.15
N ARG A 206 -5.45 -3.14 18.58
CA ARG A 206 -5.82 -4.39 19.29
C ARG A 206 -5.61 -5.59 18.36
N LEU A 207 -5.89 -5.41 17.06
CA LEU A 207 -5.68 -6.51 16.07
C LEU A 207 -4.21 -6.91 16.02
N GLY A 208 -3.29 -5.97 16.25
CA GLY A 208 -1.86 -6.28 16.39
C GLY A 208 -1.03 -5.90 15.19
N VAL A 209 -1.58 -5.13 14.26
CA VAL A 209 -0.75 -4.66 13.11
C VAL A 209 0.22 -3.61 13.67
N ASN A 210 1.35 -3.42 12.99
CA ASN A 210 2.31 -2.37 13.42
C ASN A 210 2.56 -1.36 12.31
N ALA A 211 1.82 -1.47 11.20
CA ALA A 211 1.86 -0.45 10.14
C ALA A 211 0.50 -0.42 9.45
N ILE A 212 0.13 0.76 8.97
CA ILE A 212 -1.07 0.95 8.12
C ILE A 212 -0.59 1.48 6.78
N GLU A 213 -1.00 0.85 5.70
CA GLU A 213 -0.68 1.29 4.33
C GLU A 213 -1.92 1.92 3.74
N LEU A 214 -1.90 3.23 3.53
CA LEU A 214 -3.03 3.93 2.91
C LEU A 214 -2.92 3.76 1.40
N MET A 215 -3.99 3.26 0.80
CA MET A 215 -4.11 3.31 -0.67
C MET A 215 -4.10 4.78 -1.07
N PRO A 216 -3.76 5.08 -2.35
CA PRO A 216 -3.23 6.39 -2.71
C PRO A 216 -4.03 7.60 -2.24
N VAL A 217 -3.33 8.47 -1.51
CA VAL A 217 -3.90 9.72 -0.94
C VAL A 217 -3.55 10.91 -1.83
N ALA A 218 -2.65 10.76 -2.79
CA ALA A 218 -2.24 11.89 -3.65
C ALA A 218 -3.36 12.22 -4.63
N GLU A 219 -3.58 13.50 -4.85
CA GLU A 219 -4.62 14.06 -5.72
C GLU A 219 -4.79 13.24 -7.00
N PHE A 220 -5.96 12.63 -7.10
CA PHE A 220 -6.32 11.73 -8.21
C PHE A 220 -7.51 12.38 -8.91
N ASP A 221 -7.77 11.96 -10.15
CA ASP A 221 -8.92 12.52 -10.90
C ASP A 221 -10.19 12.22 -10.10
N GLY A 222 -11.07 13.19 -10.01
CA GLY A 222 -12.35 13.03 -9.32
C GLY A 222 -12.18 12.79 -7.84
N ASN A 223 -13.26 12.33 -7.23
CA ASN A 223 -13.31 12.14 -5.77
C ASN A 223 -13.33 10.66 -5.42
N ILE A 224 -14.10 9.85 -6.16
CA ILE A 224 -14.36 8.43 -5.86
C ILE A 224 -13.34 7.62 -6.62
N SER A 225 -12.42 6.96 -5.93
CA SER A 225 -11.30 6.27 -6.60
C SER A 225 -10.61 5.31 -5.64
N TRP A 226 -9.98 4.28 -6.20
CA TRP A 226 -8.95 3.50 -5.48
C TRP A 226 -7.70 4.37 -5.33
N GLY A 227 -7.47 5.26 -6.28
CA GLY A 227 -6.35 6.23 -6.21
C GLY A 227 -5.30 6.05 -7.28
N TYR A 228 -5.44 5.12 -8.22
CA TYR A 228 -4.39 4.81 -9.23
C TYR A 228 -4.58 5.64 -10.50
N ASN A 229 -5.29 6.76 -10.37
CA ASN A 229 -5.44 7.79 -11.44
C ASN A 229 -4.91 9.11 -10.89
N PRO A 230 -3.58 9.19 -10.60
CA PRO A 230 -2.96 10.40 -10.04
C PRO A 230 -2.86 11.54 -11.06
N ALA A 231 -3.18 12.73 -10.60
CA ALA A 231 -3.11 13.98 -11.39
C ALA A 231 -2.05 14.92 -10.81
N PHE A 232 -2.01 15.09 -9.49
CA PHE A 232 -1.03 16.00 -8.83
C PHE A 232 -0.36 15.20 -7.72
N HIS A 233 0.82 14.66 -8.04
CA HIS A 233 1.43 13.59 -7.24
C HIS A 233 2.00 14.12 -5.92
N LEU A 234 2.15 15.45 -5.77
CA LEU A 234 2.58 15.99 -4.45
C LEU A 234 1.45 16.76 -3.78
N ALA A 235 0.21 16.60 -4.23
CA ALA A 235 -0.95 17.22 -3.58
C ALA A 235 -1.75 16.15 -2.84
N LEU A 236 -2.35 16.52 -1.73
CA LEU A 236 -3.20 15.61 -0.94
C LEU A 236 -4.64 15.71 -1.43
N ASP A 237 -5.21 14.62 -1.90
CA ASP A 237 -6.60 14.63 -2.39
C ASP A 237 -7.54 15.13 -1.28
N LYS A 238 -8.36 16.12 -1.60
CA LYS A 238 -9.20 16.80 -0.59
C LYS A 238 -10.42 15.96 -0.21
N TYR A 239 -10.77 14.93 -0.96
CA TYR A 239 -11.95 14.11 -0.61
C TYR A 239 -11.72 13.32 0.68
N TYR A 240 -10.47 13.10 1.08
CA TYR A 240 -10.13 12.37 2.32
C TYR A 240 -9.87 13.34 3.49
N GLY A 241 -9.99 14.64 3.25
CA GLY A 241 -9.91 15.64 4.30
C GLY A 241 -8.63 16.46 4.23
N PRO A 242 -8.52 17.47 5.10
CA PRO A 242 -7.38 18.38 5.09
C PRO A 242 -6.07 17.74 5.54
N ALA A 243 -4.98 18.30 5.01
CA ALA A 243 -3.60 17.86 5.30
C ALA A 243 -3.34 17.78 6.81
N ASP A 244 -3.78 18.77 7.58
CA ASP A 244 -3.45 18.71 9.03
C ASP A 244 -4.13 17.54 9.71
N ASP A 245 -5.23 17.02 9.16
CA ASP A 245 -5.87 15.80 9.71
C ASP A 245 -5.05 14.57 9.34
N LEU A 246 -4.43 14.51 8.17
CA LEU A 246 -3.50 13.37 7.87
C LEU A 246 -2.32 13.45 8.85
N LYS A 247 -1.78 14.65 9.09
CA LYS A 247 -0.67 14.81 10.05
C LYS A 247 -1.10 14.31 11.43
N ARG A 248 -2.28 14.67 11.88
CA ARG A 248 -2.82 14.19 13.18
C ARG A 248 -2.92 12.66 13.18
N PHE A 249 -3.44 12.09 12.10
CA PHE A 249 -3.52 10.62 11.95
C PHE A 249 -2.15 9.97 12.08
N VAL A 250 -1.15 10.46 11.35
CA VAL A 250 0.22 9.91 11.43
C VAL A 250 0.74 10.04 12.87
N ASP A 251 0.59 11.21 13.46
CA ASP A 251 1.06 11.44 14.86
C ASP A 251 0.38 10.44 15.80
N GLU A 252 -0.93 10.21 15.63
CA GLU A 252 -1.66 9.28 16.52
C GLU A 252 -1.19 7.83 16.26
N CYS A 253 -0.98 7.43 15.00
CA CYS A 253 -0.37 6.12 14.71
C CYS A 253 0.95 6.00 15.47
N HIS A 254 1.82 7.00 15.32
CA HIS A 254 3.16 6.96 15.94
C HIS A 254 3.06 6.87 17.46
N ARG A 255 2.08 7.53 18.06
CA ARG A 255 1.88 7.47 19.54
C ARG A 255 1.67 6.00 19.93
N ARG A 256 1.04 5.20 19.07
CA ARG A 256 0.68 3.79 19.35
C ARG A 256 1.75 2.81 18.85
N GLY A 257 2.86 3.31 18.31
CA GLY A 257 3.94 2.48 17.75
C GLY A 257 3.58 1.90 16.38
N ILE A 258 2.65 2.53 15.68
CA ILE A 258 2.18 2.07 14.33
C ILE A 258 2.79 2.98 13.26
N ALA A 259 3.44 2.38 12.26
CA ALA A 259 3.99 3.13 11.12
C ALA A 259 2.89 3.43 10.10
N VAL A 260 3.14 4.40 9.26
CA VAL A 260 2.22 4.75 8.15
C VAL A 260 3.00 4.65 6.83
N ILE A 261 2.46 3.87 5.91
CA ILE A 261 3.05 3.68 4.57
C ILE A 261 2.08 4.29 3.57
N LEU A 262 2.60 5.04 2.58
CA LEU A 262 1.74 5.58 1.52
C LEU A 262 1.97 4.77 0.25
N ASP A 263 0.88 4.24 -0.26
CA ASP A 263 0.81 3.73 -1.65
C ASP A 263 0.92 4.93 -2.57
N VAL A 264 1.88 4.89 -3.49
CA VAL A 264 2.21 6.03 -4.39
C VAL A 264 2.36 5.50 -5.80
N VAL A 265 1.98 6.32 -6.75
CA VAL A 265 1.66 5.87 -8.13
C VAL A 265 2.46 6.67 -9.15
N TYR A 266 3.69 6.22 -9.43
CA TYR A 266 4.61 6.98 -10.31
C TYR A 266 4.83 6.30 -11.66
N ASN A 267 4.14 5.21 -11.98
CA ASN A 267 4.33 4.61 -13.33
C ASN A 267 3.75 5.57 -14.37
N HIS A 268 2.67 6.26 -14.03
CA HIS A 268 1.86 6.99 -15.03
C HIS A 268 1.23 8.22 -14.40
N ALA A 269 0.62 9.03 -15.24
CA ALA A 269 -0.10 10.23 -14.83
C ALA A 269 -1.34 10.35 -15.70
N THR A 270 -2.42 10.89 -15.16
CA THR A 270 -3.63 11.11 -15.98
C THR A 270 -3.39 12.30 -16.93
N GLY A 271 -4.34 12.51 -17.83
CA GLY A 271 -4.32 13.66 -18.73
C GLY A 271 -4.43 14.99 -18.01
N ASN A 272 -4.81 15.01 -16.73
CA ASN A 272 -4.89 16.25 -15.94
C ASN A 272 -3.57 16.54 -15.24
N SER A 273 -2.59 15.66 -15.33
CA SER A 273 -1.23 15.94 -14.79
C SER A 273 -0.54 16.99 -15.64
N PRO A 274 0.14 17.97 -15.02
CA PRO A 274 1.01 18.87 -15.77
C PRO A 274 2.10 18.19 -16.59
N LEU A 275 2.49 16.95 -16.27
CA LEU A 275 3.49 16.23 -17.09
C LEU A 275 2.90 15.95 -18.45
N VAL A 276 1.60 15.71 -18.51
CA VAL A 276 0.94 15.42 -19.80
C VAL A 276 0.52 16.74 -20.43
N GLN A 277 -0.03 17.67 -19.65
CA GLN A 277 -0.61 18.90 -20.23
C GLN A 277 0.47 19.82 -20.79
N LEU A 278 1.68 19.82 -20.22
CA LEU A 278 2.68 20.84 -20.60
C LEU A 278 2.96 20.76 -22.10
N TYR A 279 3.07 19.57 -22.66
CA TYR A 279 3.33 19.36 -24.11
C TYR A 279 2.17 18.63 -24.77
N GLY A 280 1.13 18.29 -24.00
CA GLY A 280 0.00 17.51 -24.51
C GLY A 280 0.36 16.04 -24.64
N PRO A 281 -0.65 15.20 -24.91
CA PRO A 281 -0.46 13.76 -25.11
C PRO A 281 0.02 13.54 -26.55
N THR A 282 1.23 14.00 -26.82
CA THR A 282 1.75 14.10 -28.20
C THR A 282 3.10 13.41 -28.31
N ALA A 283 3.55 13.26 -29.55
CA ALA A 283 4.84 12.60 -29.82
C ALA A 283 5.98 13.49 -29.33
N ASP A 284 5.70 14.78 -29.13
CA ASP A 284 6.72 15.79 -28.76
C ASP A 284 6.83 15.93 -27.24
N ASN A 285 6.05 15.17 -26.47
CA ASN A 285 6.14 15.26 -25.00
C ASN A 285 7.18 14.29 -24.48
N PRO A 286 8.36 14.75 -24.00
CA PRO A 286 9.45 13.85 -23.66
C PRO A 286 9.26 13.14 -22.32
N PHE A 287 8.24 13.54 -21.56
CA PHE A 287 7.99 12.96 -20.22
C PHE A 287 7.25 11.64 -20.31
N ILE A 288 6.59 11.38 -21.43
CA ILE A 288 5.62 10.26 -21.54
C ILE A 288 6.02 9.34 -22.68
N ASN A 289 5.44 8.14 -22.63
CA ASN A 289 5.60 7.12 -23.69
C ASN A 289 4.24 6.79 -24.25
N ILE A 290 4.03 7.07 -25.55
CA ILE A 290 2.80 6.65 -26.27
C ILE A 290 3.27 5.95 -27.53
N PRO A 291 3.01 4.63 -27.68
CA PRO A 291 2.34 3.80 -26.67
C PRO A 291 3.23 3.56 -25.45
N ALA A 292 2.64 2.98 -24.41
CA ALA A 292 3.40 2.61 -23.20
C ALA A 292 4.48 1.60 -23.56
N ARG A 293 5.51 1.53 -22.73
CA ARG A 293 6.69 0.67 -23.05
C ARG A 293 6.43 -0.77 -22.66
N HIS A 294 5.42 -1.04 -21.84
CA HIS A 294 5.22 -2.37 -21.22
C HIS A 294 3.73 -2.64 -21.08
N PRO A 295 3.36 -3.90 -20.76
CA PRO A 295 1.97 -4.23 -20.47
C PRO A 295 1.43 -3.58 -19.19
N PHE A 296 0.13 -3.69 -19.03
CA PHE A 296 -0.62 -3.29 -17.81
C PHE A 296 -0.43 -1.82 -17.50
N ASN A 297 -0.15 -1.00 -18.51
CA ASN A 297 -0.14 0.46 -18.30
C ASN A 297 -1.57 0.96 -18.25
N VAL A 298 -1.80 2.00 -17.47
CA VAL A 298 -3.04 2.82 -17.55
C VAL A 298 -2.62 4.27 -17.66
N PHE A 299 -3.48 5.10 -18.25
CA PHE A 299 -3.19 6.54 -18.40
C PHE A 299 -1.88 6.70 -19.16
N TYR A 300 -1.12 7.73 -18.86
CA TYR A 300 0.07 8.08 -19.67
C TYR A 300 1.30 7.56 -18.95
N ASP A 301 1.92 6.57 -19.60
CA ASP A 301 3.17 5.94 -19.15
C ASP A 301 4.26 7.00 -19.07
N LEU A 302 4.96 7.09 -17.95
CA LEU A 302 6.05 8.08 -17.75
C LEU A 302 7.42 7.51 -18.14
N ASN A 303 8.29 8.41 -18.57
CA ASN A 303 9.66 8.04 -18.99
C ASN A 303 10.60 8.23 -17.80
N HIS A 304 10.84 7.15 -17.06
CA HIS A 304 11.69 7.18 -15.83
C HIS A 304 13.18 7.34 -16.16
N GLU A 305 13.57 7.25 -17.43
CA GLU A 305 14.97 7.60 -17.82
C GLU A 305 15.15 9.10 -18.00
N HIS A 306 14.08 9.88 -18.04
CA HIS A 306 14.16 11.34 -18.27
C HIS A 306 14.67 11.98 -16.99
N PRO A 307 15.75 12.77 -17.05
CA PRO A 307 16.30 13.39 -15.83
C PRO A 307 15.28 14.22 -15.06
N TYR A 308 14.30 14.81 -15.75
CA TYR A 308 13.34 15.67 -15.04
C TYR A 308 12.34 14.78 -14.31
N ILE A 309 11.99 13.64 -14.89
CA ILE A 309 11.10 12.67 -14.20
C ILE A 309 11.82 12.16 -12.97
N GLN A 310 13.12 11.91 -13.05
CA GLN A 310 13.90 11.47 -11.87
C GLN A 310 13.90 12.55 -10.78
N TYR A 311 14.05 13.79 -11.16
CA TYR A 311 14.00 14.96 -10.25
C TYR A 311 12.64 15.04 -9.57
N TRP A 312 11.57 14.95 -10.37
CA TRP A 312 10.17 15.02 -9.90
C TRP A 312 9.88 13.88 -8.94
N LEU A 313 10.31 12.67 -9.29
CA LEU A 313 10.11 11.47 -8.44
C LEU A 313 10.81 11.69 -7.11
N ASP A 314 12.06 12.14 -7.15
CA ASP A 314 12.84 12.34 -5.90
C ASP A 314 12.17 13.43 -5.06
N ARG A 315 11.74 14.51 -5.69
CA ARG A 315 11.01 15.61 -5.00
C ARG A 315 9.76 15.03 -4.31
N ALA A 316 9.00 14.20 -5.02
CA ALA A 316 7.74 13.65 -4.48
C ALA A 316 8.07 12.77 -3.27
N ASN A 317 9.02 11.86 -3.38
CA ASN A 317 9.38 10.95 -2.26
C ASN A 317 9.82 11.80 -1.07
N ARG A 318 10.65 12.81 -1.31
CA ARG A 318 11.18 13.69 -0.23
C ARG A 318 10.02 14.42 0.44
N TYR A 319 9.11 14.98 -0.37
CA TYR A 319 7.97 15.79 0.12
C TYR A 319 7.13 14.95 1.08
N TRP A 320 6.71 13.76 0.66
CA TRP A 320 5.78 12.99 1.50
C TRP A 320 6.47 12.60 2.81
N LEU A 321 7.75 12.24 2.76
CA LEU A 321 8.52 11.90 3.98
C LEU A 321 8.62 13.13 4.89
N GLU A 322 8.99 14.27 4.34
CA GLU A 322 9.30 15.47 5.17
C GLU A 322 8.02 16.11 5.71
N GLU A 323 7.01 16.29 4.86
CA GLU A 323 5.79 17.03 5.25
C GLU A 323 4.90 16.20 6.17
N PHE A 324 4.73 14.92 5.89
CA PHE A 324 3.75 14.07 6.60
C PHE A 324 4.42 13.06 7.52
N ARG A 325 5.76 12.99 7.56
CA ARG A 325 6.50 12.12 8.49
C ARG A 325 6.08 10.67 8.33
N VAL A 326 5.72 10.26 7.13
CA VAL A 326 5.36 8.86 6.88
C VAL A 326 6.63 8.00 6.88
N ASP A 327 6.44 6.70 7.06
CA ASP A 327 7.53 5.75 7.37
C ASP A 327 8.04 5.08 6.12
N GLY A 328 7.31 5.21 4.99
CA GLY A 328 7.81 4.66 3.73
C GLY A 328 6.69 4.59 2.72
N PHE A 329 6.97 3.92 1.61
CA PHE A 329 6.11 3.91 0.41
C PHE A 329 5.93 2.50 -0.11
N ARG A 330 4.76 2.25 -0.67
CA ARG A 330 4.50 1.11 -1.54
C ARG A 330 4.44 1.68 -2.95
N PHE A 331 5.45 1.35 -3.75
CA PHE A 331 5.56 1.82 -5.14
C PHE A 331 4.69 0.94 -6.03
N ALA A 332 3.51 1.47 -6.36
CA ALA A 332 2.59 0.84 -7.32
C ALA A 332 3.32 0.61 -8.64
N LEU A 333 3.13 -0.58 -9.20
CA LEU A 333 3.56 -0.92 -10.59
C LEU A 333 5.01 -0.50 -10.78
N SER A 334 5.89 -0.84 -9.84
CA SER A 334 7.33 -0.53 -9.92
C SER A 334 7.93 -1.28 -11.11
N LYS A 335 7.32 -2.36 -11.57
CA LYS A 335 7.85 -3.08 -12.76
C LYS A 335 7.70 -2.20 -13.99
N GLY A 336 6.85 -1.19 -13.92
CA GLY A 336 6.65 -0.25 -15.04
C GLY A 336 7.73 0.84 -15.12
N PHE A 337 8.68 0.89 -14.21
CA PHE A 337 9.69 1.96 -14.18
C PHE A 337 10.82 1.57 -15.13
N THR A 338 10.54 1.57 -16.42
CA THR A 338 11.52 1.15 -17.45
C THR A 338 11.12 1.70 -18.81
N GLN A 339 12.14 1.98 -19.61
CA GLN A 339 11.99 2.33 -21.04
C GLN A 339 12.22 1.08 -21.91
N LYS A 340 12.62 -0.04 -21.34
CA LYS A 340 12.75 -1.29 -22.15
C LYS A 340 11.42 -1.59 -22.82
N TYR A 341 11.40 -1.84 -24.13
CA TYR A 341 10.12 -2.05 -24.83
C TYR A 341 9.77 -3.53 -24.79
N THR A 342 8.68 -3.88 -24.11
CA THR A 342 8.15 -5.26 -24.07
C THR A 342 6.71 -5.31 -24.60
N ASP A 343 6.20 -4.19 -25.11
CA ASP A 343 4.84 -4.09 -25.74
C ASP A 343 3.81 -4.75 -24.82
N ASP A 344 3.19 -5.85 -25.27
CA ASP A 344 2.08 -6.51 -24.53
C ASP A 344 2.53 -7.90 -24.07
N ASP A 345 3.85 -8.12 -23.95
CA ASP A 345 4.48 -9.42 -23.57
C ASP A 345 4.82 -9.38 -22.07
N VAL A 346 3.94 -9.93 -21.25
CA VAL A 346 4.08 -9.92 -19.77
C VAL A 346 5.33 -10.74 -19.38
N GLY A 347 5.58 -11.87 -20.05
CA GLY A 347 6.81 -12.66 -19.78
C GLY A 347 8.06 -11.82 -20.00
N ALA A 348 8.11 -11.11 -21.13
CA ALA A 348 9.28 -10.28 -21.50
C ALA A 348 9.40 -9.15 -20.48
N TRP A 349 8.28 -8.60 -20.06
CA TRP A 349 8.26 -7.49 -19.08
C TRP A 349 8.81 -7.95 -17.74
N SER A 350 8.45 -9.15 -17.30
CA SER A 350 8.78 -9.69 -15.97
C SER A 350 10.23 -10.15 -15.95
N ALA A 351 10.84 -10.39 -17.10
CA ALA A 351 12.26 -10.79 -17.16
C ALA A 351 13.15 -9.73 -16.50
N TYR A 352 14.29 -10.18 -16.01
CA TYR A 352 15.38 -9.34 -15.48
C TYR A 352 15.62 -8.16 -16.42
N ASP A 353 15.57 -6.95 -15.88
CA ASP A 353 15.72 -5.70 -16.66
C ASP A 353 16.79 -4.86 -15.95
N ALA A 354 18.03 -4.88 -16.42
CA ALA A 354 19.13 -4.15 -15.76
C ALA A 354 18.81 -2.64 -15.70
N SER A 355 18.16 -2.10 -16.73
CA SER A 355 17.85 -0.65 -16.79
C SER A 355 16.87 -0.31 -15.67
N ARG A 356 15.90 -1.18 -15.46
CA ARG A 356 14.83 -0.97 -14.44
C ARG A 356 15.48 -1.06 -13.07
N ILE A 357 16.36 -2.04 -12.88
CA ILE A 357 17.05 -2.20 -11.57
C ILE A 357 17.89 -0.95 -11.29
N ARG A 358 18.62 -0.46 -12.27
CA ARG A 358 19.38 0.80 -12.10
C ARG A 358 18.44 1.94 -11.66
N LEU A 359 17.29 2.09 -12.31
CA LEU A 359 16.39 3.21 -12.00
C LEU A 359 15.83 3.07 -10.58
N LEU A 360 15.53 1.86 -10.13
CA LEU A 360 14.95 1.66 -8.78
C LEU A 360 16.04 1.85 -7.74
N LYS A 361 17.26 1.39 -7.99
CA LYS A 361 18.37 1.65 -7.04
C LYS A 361 18.66 3.16 -6.95
N ARG A 362 18.60 3.88 -8.07
CA ARG A 362 18.82 5.33 -8.09
C ARG A 362 17.75 6.01 -7.24
N MET A 363 16.48 5.63 -7.43
CA MET A 363 15.38 6.18 -6.61
C MET A 363 15.62 5.86 -5.13
N ALA A 364 15.99 4.63 -4.83
CA ALA A 364 16.23 4.16 -3.44
C ALA A 364 17.36 4.98 -2.81
N ASP A 365 18.44 5.20 -3.56
CA ASP A 365 19.57 6.01 -3.00
C ASP A 365 19.04 7.36 -2.55
N ALA A 366 18.21 8.02 -3.36
CA ALA A 366 17.68 9.35 -3.04
C ALA A 366 16.76 9.28 -1.81
N ILE A 367 15.87 8.28 -1.74
CA ILE A 367 15.00 8.10 -0.56
C ILE A 367 15.88 7.96 0.69
N TRP A 368 16.84 7.05 0.64
CA TRP A 368 17.66 6.69 1.83
C TRP A 368 18.62 7.83 2.20
N ALA A 369 18.94 8.73 1.28
CA ALA A 369 19.69 9.98 1.60
C ALA A 369 18.78 10.92 2.41
N VAL A 370 17.47 10.88 2.20
CA VAL A 370 16.51 11.68 3.01
C VAL A 370 16.32 11.00 4.36
N ASP A 371 16.10 9.70 4.36
CA ASP A 371 15.75 8.95 5.58
C ASP A 371 16.22 7.52 5.39
N SER A 372 17.30 7.14 6.09
CA SER A 372 18.06 5.90 5.80
C SER A 372 17.26 4.68 6.23
N THR A 373 16.16 4.83 6.96
CA THR A 373 15.37 3.65 7.40
C THR A 373 13.94 3.75 6.87
N ALA A 374 13.64 4.66 5.94
CA ALA A 374 12.32 4.67 5.28
C ALA A 374 12.09 3.33 4.56
N TYR A 375 10.87 2.81 4.62
CA TYR A 375 10.53 1.55 3.92
C TYR A 375 10.41 1.84 2.43
N ILE A 376 11.05 0.99 1.64
CA ILE A 376 10.91 1.00 0.16
C ILE A 376 10.27 -0.33 -0.22
N ILE A 377 8.97 -0.28 -0.47
CA ILE A 377 8.16 -1.46 -0.77
C ILE A 377 7.79 -1.39 -2.23
N LEU A 378 8.04 -2.46 -2.94
CA LEU A 378 7.78 -2.53 -4.39
C LEU A 378 6.63 -3.47 -4.65
N GLU A 379 5.60 -3.00 -5.35
CA GLU A 379 4.60 -3.90 -5.93
C GLU A 379 5.15 -4.29 -7.29
N HIS A 380 5.99 -5.32 -7.34
CA HIS A 380 6.92 -5.53 -8.47
C HIS A 380 6.46 -6.72 -9.33
N PHE A 381 6.49 -7.92 -8.77
CA PHE A 381 6.17 -9.17 -9.48
C PHE A 381 7.09 -9.38 -10.69
N ALA A 382 8.38 -9.15 -10.50
CA ALA A 382 9.41 -9.46 -11.52
C ALA A 382 9.99 -10.84 -11.26
N ASP A 383 10.77 -11.32 -12.21
CA ASP A 383 11.49 -12.61 -12.06
C ASP A 383 12.36 -12.55 -10.80
N ASN A 384 12.55 -13.73 -10.19
CA ASN A 384 13.15 -13.83 -8.86
C ASN A 384 14.57 -13.24 -8.86
N GLN A 385 15.34 -13.40 -9.93
CA GLN A 385 16.73 -12.86 -10.03
C GLN A 385 16.70 -11.35 -9.75
N GLU A 386 15.76 -10.65 -10.38
CA GLU A 386 15.64 -9.19 -10.22
C GLU A 386 15.17 -8.87 -8.79
N GLU A 387 14.16 -9.59 -8.30
CA GLU A 387 13.61 -9.31 -6.96
C GLU A 387 14.68 -9.52 -5.90
N LYS A 388 15.48 -10.58 -6.02
CA LYS A 388 16.57 -10.81 -5.04
C LYS A 388 17.55 -9.64 -5.07
N GLU A 389 17.89 -9.13 -6.24
CA GLU A 389 18.89 -8.04 -6.35
C GLU A 389 18.34 -6.76 -5.69
N LEU A 390 17.06 -6.48 -5.89
CA LEU A 390 16.44 -5.29 -5.29
C LEU A 390 16.35 -5.47 -3.76
N ALA A 391 16.05 -6.66 -3.28
CA ALA A 391 15.97 -6.95 -1.83
C ALA A 391 17.33 -6.77 -1.18
N ALA A 392 18.39 -7.18 -1.87
CA ALA A 392 19.76 -7.17 -1.32
C ALA A 392 20.32 -5.74 -1.31
N TYR A 393 19.78 -4.85 -2.14
CA TYR A 393 20.41 -3.54 -2.37
C TYR A 393 20.52 -2.75 -1.07
N GLY A 394 21.73 -2.26 -0.75
CA GLY A 394 21.98 -1.43 0.44
C GLY A 394 22.25 -2.23 1.69
N GLN A 395 21.98 -3.55 1.71
CA GLN A 395 22.11 -4.33 2.96
C GLN A 395 23.58 -4.38 3.38
N ASP A 396 24.49 -4.36 2.42
CA ASP A 396 25.95 -4.35 2.73
C ASP A 396 26.35 -3.00 3.33
N ARG A 397 25.48 -1.99 3.31
CA ARG A 397 25.78 -0.65 3.84
C ARG A 397 24.88 -0.32 5.05
N GLY A 398 24.15 -1.30 5.57
CA GLY A 398 23.30 -1.16 6.78
C GLY A 398 21.84 -0.84 6.46
N ARG A 399 21.47 -0.73 5.17
CA ARG A 399 20.05 -0.48 4.80
C ARG A 399 19.27 -1.79 4.95
N ALA A 400 17.93 -1.72 5.01
CA ALA A 400 17.07 -2.91 5.12
C ALA A 400 16.98 -3.66 3.79
N GLY A 401 17.33 -3.00 2.69
CA GLY A 401 17.00 -3.51 1.35
C GLY A 401 15.57 -3.15 0.99
N MET A 402 15.21 -3.35 -0.26
CA MET A 402 13.81 -3.11 -0.69
C MET A 402 12.96 -4.31 -0.28
N LEU A 403 11.71 -4.07 0.06
CA LEU A 403 10.72 -5.14 0.31
C LEU A 403 9.86 -5.31 -0.94
N LEU A 404 9.44 -6.54 -1.19
CA LEU A 404 8.70 -6.91 -2.41
C LEU A 404 7.36 -7.55 -2.01
N TRP A 405 6.27 -7.11 -2.62
CA TRP A 405 4.96 -7.82 -2.55
C TRP A 405 5.11 -9.26 -3.01
N HIS A 406 4.54 -10.15 -2.23
CA HIS A 406 4.55 -11.61 -2.49
C HIS A 406 3.11 -12.11 -2.42
N ASN A 407 2.51 -12.32 -3.58
CA ASN A 407 1.08 -12.62 -3.72
C ASN A 407 0.83 -14.11 -3.51
N LEU A 408 0.22 -14.49 -2.40
CA LEU A 408 -0.17 -15.92 -2.19
C LEU A 408 -1.69 -16.05 -2.11
N ASN A 409 -2.41 -15.14 -2.74
CA ASN A 409 -3.88 -15.19 -2.74
C ASN A 409 -4.38 -16.49 -3.38
N ARG A 410 -3.82 -16.90 -4.50
CA ARG A 410 -4.38 -18.11 -5.16
C ARG A 410 -4.10 -19.33 -4.28
N ALA A 411 -2.89 -19.47 -3.76
CA ALA A 411 -2.52 -20.69 -2.99
C ALA A 411 -3.34 -20.71 -1.70
N PHE A 412 -3.52 -19.59 -1.02
CA PHE A 412 -4.37 -19.57 0.18
C PHE A 412 -5.83 -19.80 -0.20
N SER A 413 -6.29 -19.26 -1.32
CA SER A 413 -7.66 -19.47 -1.83
C SER A 413 -7.93 -20.96 -2.00
N GLN A 414 -7.01 -21.66 -2.70
CA GLN A 414 -7.19 -23.12 -2.94
C GLN A 414 -7.20 -23.83 -1.60
N SER A 415 -6.29 -23.46 -0.71
CA SER A 415 -6.09 -24.12 0.60
C SER A 415 -7.35 -23.95 1.45
N VAL A 416 -7.91 -22.75 1.53
CA VAL A 416 -9.10 -22.54 2.43
C VAL A 416 -10.36 -23.08 1.73
N MET A 417 -10.42 -23.07 0.39
CA MET A 417 -11.56 -23.69 -0.30
C MET A 417 -11.57 -25.21 -0.08
N GLY A 418 -10.39 -25.80 0.11
CA GLY A 418 -10.26 -27.25 0.33
C GLY A 418 -10.03 -28.01 -0.96
N TYR A 419 -9.55 -27.34 -2.01
CA TYR A 419 -9.15 -27.95 -3.31
C TYR A 419 -7.64 -27.94 -3.39
N LEU A 420 -7.01 -29.04 -2.98
CA LEU A 420 -5.54 -29.08 -2.85
C LEU A 420 -4.92 -29.85 -4.02
N ASN A 421 -5.73 -30.28 -4.99
CA ASN A 421 -5.29 -31.19 -6.09
C ASN A 421 -5.71 -30.64 -7.44
N ASP A 422 -5.90 -29.33 -7.56
CA ASP A 422 -6.23 -28.68 -8.84
C ASP A 422 -4.98 -28.58 -9.70
N PRO A 423 -4.94 -29.20 -10.91
CA PRO A 423 -3.76 -29.11 -11.75
C PRO A 423 -3.49 -27.69 -12.32
N ASN A 424 -4.49 -26.80 -12.28
CA ASN A 424 -4.39 -25.41 -12.82
C ASN A 424 -4.04 -24.41 -11.72
N PHE A 425 -4.39 -24.70 -10.47
CA PHE A 425 -4.26 -23.74 -9.35
C PHE A 425 -3.61 -24.42 -8.16
N SER A 426 -2.32 -24.16 -8.01
CA SER A 426 -1.49 -24.76 -6.95
C SER A 426 -2.02 -24.35 -5.58
N SER A 427 -2.01 -25.28 -4.63
CA SER A 427 -2.34 -25.01 -3.20
C SER A 427 -1.05 -24.99 -2.37
N ASP A 428 0.12 -25.03 -3.03
CA ASP A 428 1.40 -25.05 -2.30
C ASP A 428 1.60 -23.73 -1.54
N LEU A 429 1.82 -23.79 -0.22
CA LEU A 429 2.12 -22.60 0.61
C LEU A 429 3.59 -22.54 0.98
N THR A 430 4.40 -23.49 0.50
CA THR A 430 5.80 -23.61 0.96
C THR A 430 6.54 -22.28 0.80
N THR A 431 6.25 -21.54 -0.28
CA THR A 431 7.07 -20.36 -0.62
C THR A 431 6.73 -19.19 0.30
N ILE A 432 5.80 -19.35 1.24
CA ILE A 432 5.55 -18.28 2.24
C ILE A 432 6.82 -17.94 3.01
N TYR A 433 7.69 -18.92 3.27
CA TYR A 433 8.99 -18.65 3.94
C TYR A 433 10.04 -18.22 2.91
N TYR A 434 10.67 -17.08 3.17
CA TYR A 434 11.55 -16.36 2.21
C TYR A 434 12.63 -17.30 1.66
N LYS A 435 13.17 -18.22 2.45
CA LYS A 435 14.28 -19.06 1.94
C LYS A 435 13.76 -20.01 0.88
N ASN A 436 12.48 -20.36 0.90
CA ASN A 436 11.82 -21.25 -0.08
C ASN A 436 11.57 -20.52 -1.39
N ARG A 437 11.72 -19.20 -1.40
CA ARG A 437 11.64 -18.35 -2.62
C ARG A 437 13.05 -17.97 -3.08
N GLY A 438 14.11 -18.50 -2.44
CA GLY A 438 15.52 -18.29 -2.80
C GLY A 438 16.11 -17.03 -2.18
N PHE A 439 15.36 -16.37 -1.30
CA PHE A 439 15.83 -15.12 -0.67
C PHE A 439 16.68 -15.43 0.55
N PRO A 440 17.83 -14.76 0.73
CA PRO A 440 18.66 -14.97 1.92
C PRO A 440 18.18 -14.19 3.14
N THR A 441 17.28 -13.21 2.94
CA THR A 441 16.78 -12.32 4.02
C THR A 441 15.29 -12.14 3.84
N PRO A 442 14.58 -11.84 4.96
CA PRO A 442 13.12 -11.72 4.94
C PRO A 442 12.63 -10.39 4.36
N ASN A 443 12.69 -10.28 3.04
CA ASN A 443 12.35 -9.03 2.30
C ASN A 443 11.10 -9.25 1.46
N LEU A 444 10.36 -10.34 1.65
CA LEU A 444 9.08 -10.60 0.94
C LEU A 444 7.92 -10.28 1.89
N ILE A 445 7.00 -9.43 1.44
CA ILE A 445 5.75 -9.16 2.21
C ILE A 445 4.71 -10.12 1.65
N ALA A 446 4.50 -11.24 2.32
CA ALA A 446 3.47 -12.21 1.93
C ALA A 446 2.09 -11.65 2.28
N TYR A 447 1.13 -11.95 1.42
CA TYR A 447 -0.29 -11.66 1.73
C TYR A 447 -1.17 -12.77 1.18
N MET A 448 -2.21 -13.08 1.94
CA MET A 448 -3.36 -13.91 1.51
C MET A 448 -4.32 -13.04 0.69
N GLU A 449 -4.39 -11.75 1.01
CA GLU A 449 -5.38 -10.81 0.42
C GLU A 449 -4.74 -9.45 0.19
N SER A 450 -5.17 -8.79 -0.87
CA SER A 450 -4.87 -7.36 -1.14
C SER A 450 -6.08 -6.78 -1.82
N HIS A 451 -6.11 -5.47 -1.98
CA HIS A 451 -7.23 -4.79 -2.66
C HIS A 451 -7.37 -5.26 -4.11
N ASP A 452 -6.34 -5.86 -4.68
CA ASP A 452 -6.40 -6.32 -6.10
C ASP A 452 -6.92 -7.75 -6.22
N GLU A 453 -7.08 -8.45 -5.10
CA GLU A 453 -7.38 -9.90 -5.13
C GLU A 453 -8.76 -10.19 -4.54
N GLN A 454 -9.30 -11.33 -4.93
CA GLN A 454 -10.60 -11.77 -4.40
C GLN A 454 -10.50 -11.96 -2.90
N TRP A 455 -11.59 -11.71 -2.20
CA TRP A 455 -11.74 -12.08 -0.78
C TRP A 455 -11.71 -13.59 -0.64
N LEU A 456 -10.91 -14.10 0.28
CA LEU A 456 -10.93 -15.55 0.57
C LEU A 456 -12.34 -15.97 0.96
N MET A 457 -13.05 -15.18 1.76
CA MET A 457 -14.40 -15.55 2.18
C MET A 457 -15.32 -15.61 0.96
N TYR A 458 -15.13 -14.77 -0.06
CA TYR A 458 -15.95 -14.92 -1.28
C TYR A 458 -15.68 -16.33 -1.85
N ARG A 459 -14.43 -16.68 -2.02
CA ARG A 459 -14.08 -17.97 -2.67
C ARG A 459 -14.66 -19.12 -1.86
N MET A 460 -14.54 -19.10 -0.54
CA MET A 460 -15.08 -20.21 0.27
C MET A 460 -16.60 -20.25 0.15
N ARG A 461 -17.29 -19.13 0.33
CA ARG A 461 -18.77 -19.16 0.30
C ARG A 461 -19.27 -19.47 -1.11
N ALA A 462 -18.52 -19.09 -2.15
CA ALA A 462 -18.95 -19.25 -3.56
C ALA A 462 -18.67 -20.67 -4.02
N TYR A 463 -17.48 -21.19 -3.72
CA TYR A 463 -16.92 -22.39 -4.42
C TYR A 463 -16.49 -23.48 -3.44
N GLY A 464 -16.58 -23.24 -2.13
CA GLY A 464 -16.01 -24.14 -1.11
C GLY A 464 -16.39 -25.61 -1.32
N ALA A 465 -15.44 -26.48 -1.01
CA ALA A 465 -15.61 -27.95 -1.09
C ALA A 465 -16.54 -28.43 0.03
N ARG A 466 -17.08 -29.62 -0.15
CA ARG A 466 -17.88 -30.23 0.92
C ARG A 466 -17.63 -31.74 0.91
N GLN A 467 -17.71 -32.32 2.10
CA GLN A 467 -17.72 -33.80 2.27
C GLN A 467 -18.66 -34.10 3.42
N GLY A 468 -19.76 -34.82 3.15
CA GLY A 468 -20.79 -35.12 4.15
C GLY A 468 -21.31 -33.86 4.82
N ALA A 469 -21.18 -33.78 6.14
CA ALA A 469 -21.75 -32.71 6.98
C ALA A 469 -20.86 -31.46 6.95
N TYR A 470 -19.64 -31.58 6.43
CA TYR A 470 -18.61 -30.51 6.44
C TYR A 470 -18.67 -29.74 5.12
N ASP A 471 -19.11 -28.48 5.19
CA ASP A 471 -19.36 -27.62 4.01
C ASP A 471 -18.60 -26.30 4.17
N VAL A 472 -17.56 -26.13 3.36
CA VAL A 472 -16.73 -24.89 3.42
C VAL A 472 -17.57 -23.67 2.99
N ARG A 473 -18.68 -23.87 2.28
CA ARG A 473 -19.54 -22.73 1.88
C ARG A 473 -20.31 -22.18 3.08
N SER A 474 -20.39 -22.91 4.18
CA SER A 474 -21.12 -22.48 5.39
C SER A 474 -20.31 -21.41 6.12
N LEU A 475 -20.92 -20.26 6.43
CA LEU A 475 -20.18 -19.12 7.03
C LEU A 475 -19.35 -19.57 8.24
N PRO A 476 -19.90 -20.28 9.27
CA PRO A 476 -19.10 -20.63 10.44
C PRO A 476 -17.90 -21.53 10.09
N VAL A 477 -18.08 -22.43 9.14
CA VAL A 477 -16.97 -23.33 8.68
C VAL A 477 -15.87 -22.47 8.03
N ALA A 478 -16.27 -21.58 7.12
CA ALA A 478 -15.36 -20.67 6.41
C ALA A 478 -14.61 -19.76 7.40
N LEU A 479 -15.30 -19.18 8.40
CA LEU A 479 -14.57 -18.36 9.40
C LEU A 479 -13.50 -19.20 10.11
N ASP A 480 -13.82 -20.46 10.44
CA ASP A 480 -12.82 -21.34 11.09
C ASP A 480 -11.64 -21.55 10.13
N ARG A 481 -11.87 -21.69 8.83
CA ARG A 481 -10.75 -21.89 7.88
C ARG A 481 -9.90 -20.62 7.79
N MET A 482 -10.44 -19.43 8.00
CA MET A 482 -9.60 -18.21 8.04
C MET A 482 -8.71 -18.22 9.29
N LYS A 483 -9.19 -18.80 10.40
CA LYS A 483 -8.33 -18.96 11.59
C LYS A 483 -7.17 -19.88 11.24
N LEU A 484 -7.48 -21.00 10.61
CA LEU A 484 -6.47 -21.96 10.11
C LEU A 484 -5.49 -21.23 9.18
N ALA A 485 -6.01 -20.46 8.23
CA ALA A 485 -5.11 -19.73 7.29
C ALA A 485 -4.20 -18.79 8.08
N GLY A 486 -4.72 -18.02 9.03
CA GLY A 486 -3.90 -17.13 9.88
C GLY A 486 -2.79 -17.89 10.58
N ALA A 487 -3.09 -19.08 11.09
CA ALA A 487 -2.09 -19.88 11.84
C ALA A 487 -0.94 -20.29 10.93
N PHE A 488 -1.14 -20.29 9.60
CA PHE A 488 -0.14 -20.71 8.59
C PHE A 488 0.35 -19.47 7.84
N PHE A 489 0.19 -18.30 8.45
CA PHE A 489 0.54 -17.01 7.81
C PHE A 489 1.26 -16.12 8.81
N PHE A 490 0.59 -15.73 9.89
CA PHE A 490 1.15 -14.77 10.88
C PHE A 490 2.27 -15.40 11.69
N THR A 491 2.42 -16.71 11.64
CA THR A 491 3.44 -17.45 12.43
C THR A 491 4.78 -17.52 11.69
N VAL A 492 4.81 -17.13 10.42
CA VAL A 492 6.01 -17.32 9.56
C VAL A 492 6.85 -16.05 9.57
N PRO A 493 8.17 -16.15 9.83
CA PRO A 493 9.03 -14.98 9.83
C PRO A 493 8.95 -14.23 8.49
N GLY A 494 9.21 -12.95 8.57
CA GLY A 494 9.21 -12.03 7.42
C GLY A 494 7.95 -11.18 7.46
N PRO A 495 7.96 -10.05 6.74
CA PRO A 495 6.84 -9.13 6.82
C PRO A 495 5.60 -9.68 6.14
N LYS A 496 4.45 -9.17 6.58
CA LYS A 496 3.13 -9.69 6.17
C LYS A 496 2.19 -8.52 5.94
N MET A 497 1.19 -8.72 5.11
CA MET A 497 0.16 -7.68 4.90
C MET A 497 -1.21 -8.35 4.93
N ILE A 498 -2.18 -7.63 5.49
CA ILE A 498 -3.60 -8.03 5.43
C ILE A 498 -4.40 -6.86 4.85
N TRP A 499 -5.53 -7.21 4.26
CA TRP A 499 -6.41 -6.26 3.54
C TRP A 499 -7.63 -6.03 4.41
N GLN A 500 -8.02 -4.78 4.55
CA GLN A 500 -9.10 -4.34 5.47
C GLN A 500 -10.27 -5.34 5.51
N PHE A 501 -10.64 -5.66 6.74
CA PHE A 501 -11.85 -6.43 7.13
C PHE A 501 -11.73 -7.92 6.85
N GLY A 502 -10.63 -8.41 6.32
CA GLY A 502 -10.41 -9.87 6.29
C GLY A 502 -10.55 -10.47 7.67
N GLU A 503 -10.16 -9.72 8.70
CA GLU A 503 -10.17 -10.20 10.09
C GLU A 503 -11.61 -10.34 10.61
N LEU A 504 -12.61 -9.82 9.90
CA LEU A 504 -14.04 -10.00 10.26
C LEU A 504 -14.72 -10.91 9.23
N GLY A 505 -13.96 -11.55 8.35
CA GLY A 505 -14.56 -12.43 7.35
C GLY A 505 -15.23 -11.71 6.21
N TYR A 506 -14.74 -10.53 5.82
CA TYR A 506 -15.32 -9.80 4.67
C TYR A 506 -15.25 -10.69 3.43
N GLY A 507 -16.30 -10.64 2.63
CA GLY A 507 -16.40 -11.40 1.39
C GLY A 507 -17.72 -12.15 1.31
N TYR A 508 -18.29 -12.21 0.12
CA TYR A 508 -19.61 -12.76 -0.19
C TYR A 508 -20.72 -11.85 0.37
N GLY A 509 -20.80 -11.63 1.69
CA GLY A 509 -21.80 -10.69 2.22
C GLY A 509 -23.18 -11.34 2.24
N GLU A 510 -24.23 -10.58 1.97
CA GLU A 510 -25.61 -11.07 2.17
C GLU A 510 -25.93 -12.09 1.08
N ARG A 511 -25.53 -11.82 -0.15
CA ARG A 511 -26.02 -12.58 -1.33
C ARG A 511 -24.90 -12.83 -2.33
N GLY A 512 -23.66 -12.45 -2.03
CA GLY A 512 -22.54 -12.55 -2.98
C GLY A 512 -22.08 -11.20 -3.49
N GLU A 513 -22.67 -10.09 -3.03
CA GLU A 513 -22.31 -8.74 -3.52
C GLU A 513 -20.88 -8.38 -3.13
N GLN A 514 -20.32 -8.98 -2.07
CA GLN A 514 -18.94 -8.67 -1.64
C GLN A 514 -18.02 -9.56 -2.48
N CYS A 515 -17.82 -9.15 -3.72
CA CYS A 515 -17.09 -9.94 -4.73
C CYS A 515 -16.26 -8.96 -5.54
N LEU A 516 -15.00 -9.26 -5.76
CA LEU A 516 -14.15 -8.38 -6.59
C LEU A 516 -14.14 -8.89 -8.01
N GLU A 517 -14.59 -8.07 -8.93
CA GLU A 517 -14.56 -8.35 -10.38
C GLU A 517 -13.12 -8.31 -10.90
N GLY A 518 -12.86 -9.08 -11.94
CA GLY A 518 -11.58 -9.03 -12.68
C GLY A 518 -10.50 -9.95 -12.13
N THR A 519 -10.85 -10.93 -11.29
CA THR A 519 -9.86 -11.87 -10.68
C THR A 519 -9.92 -13.23 -11.37
N GLY A 520 -10.84 -13.39 -12.31
CA GLY A 520 -11.11 -14.69 -12.95
C GLY A 520 -12.43 -15.25 -12.49
N ASP A 521 -12.88 -14.88 -11.28
CA ASP A 521 -14.18 -15.33 -10.75
C ASP A 521 -15.30 -14.57 -11.46
N SER A 522 -16.38 -15.26 -11.79
CA SER A 522 -17.59 -14.63 -12.35
C SER A 522 -18.43 -14.11 -11.20
N CYS A 523 -18.28 -12.83 -10.85
CA CYS A 523 -19.03 -12.30 -9.69
C CYS A 523 -20.51 -12.29 -10.01
N PRO A 524 -21.34 -12.41 -8.98
CA PRO A 524 -22.78 -12.23 -9.16
C PRO A 524 -23.07 -10.89 -9.82
N SER A 525 -24.20 -10.84 -10.51
CA SER A 525 -24.70 -9.63 -11.21
C SER A 525 -24.88 -8.48 -10.20
N ILE A 526 -25.12 -8.80 -8.93
CA ILE A 526 -25.43 -7.81 -7.88
C ILE A 526 -24.16 -7.16 -7.33
N ALA A 527 -22.98 -7.66 -7.69
CA ALA A 527 -21.70 -7.14 -7.16
C ALA A 527 -21.40 -5.80 -7.82
N PRO A 528 -20.73 -4.90 -7.09
CA PRO A 528 -20.22 -3.68 -7.69
C PRO A 528 -19.09 -3.98 -8.68
N GLY A 529 -18.77 -3.01 -9.53
CA GLY A 529 -17.61 -3.11 -10.42
C GLY A 529 -16.31 -3.20 -9.62
N ARG A 530 -15.26 -3.71 -10.23
CA ARG A 530 -13.97 -3.94 -9.55
C ARG A 530 -13.55 -2.70 -8.76
N ILE A 531 -13.63 -1.52 -9.38
CA ILE A 531 -13.03 -0.30 -8.78
C ILE A 531 -14.12 0.53 -8.08
N ASP A 532 -15.34 0.02 -8.00
CA ASP A 532 -16.46 0.76 -7.44
C ASP A 532 -16.46 0.62 -5.93
N PRO A 533 -17.11 1.55 -5.20
CA PRO A 533 -17.25 1.44 -3.76
C PRO A 533 -17.88 0.10 -3.35
N LYS A 534 -17.34 -0.47 -2.28
CA LYS A 534 -17.78 -1.75 -1.72
C LYS A 534 -18.55 -1.50 -0.44
N PRO A 535 -19.41 -2.44 -0.04
CA PRO A 535 -20.10 -2.30 1.23
C PRO A 535 -19.14 -2.09 2.40
N ILE A 536 -19.58 -1.23 3.31
CA ILE A 536 -18.87 -0.98 4.58
C ILE A 536 -19.68 -1.64 5.70
N ARG A 537 -19.07 -2.58 6.41
CA ARG A 537 -19.78 -3.51 7.33
C ARG A 537 -19.11 -3.54 8.71
N TRP A 538 -19.04 -2.40 9.39
CA TRP A 538 -18.53 -2.38 10.78
C TRP A 538 -19.47 -3.16 11.70
N ASP A 539 -20.71 -3.41 11.27
CA ASP A 539 -21.67 -4.19 12.08
C ASP A 539 -21.14 -5.62 12.25
N TYR A 540 -20.20 -6.08 11.42
CA TYR A 540 -19.57 -7.41 11.61
C TYR A 540 -18.92 -7.52 12.99
N ARG A 541 -18.53 -6.42 13.63
CA ARG A 541 -17.98 -6.47 15.01
C ARG A 541 -19.06 -7.00 15.98
N ASN A 542 -20.32 -6.93 15.63
CA ASN A 542 -21.41 -7.37 16.56
C ASN A 542 -21.77 -8.83 16.32
N ASP A 543 -21.10 -9.52 15.39
CA ASP A 543 -21.34 -10.95 15.14
C ASP A 543 -20.29 -11.70 15.92
N PRO A 544 -20.63 -12.39 17.03
CA PRO A 544 -19.64 -13.12 17.79
C PRO A 544 -18.80 -14.11 16.97
N LEU A 545 -19.35 -14.72 15.92
CA LEU A 545 -18.58 -15.69 15.10
C LEU A 545 -17.49 -14.95 14.33
N ARG A 546 -17.80 -13.76 13.83
CA ARG A 546 -16.78 -12.97 13.10
C ARG A 546 -15.75 -12.43 14.09
N MET A 547 -16.16 -12.03 15.29
CA MET A 547 -15.21 -11.53 16.29
C MET A 547 -14.31 -12.66 16.81
N LYS A 548 -14.74 -13.92 16.79
CA LYS A 548 -13.81 -15.03 17.12
C LYS A 548 -12.66 -15.07 16.10
N LEU A 549 -12.95 -14.78 14.82
CA LEU A 549 -11.85 -14.74 13.83
C LEU A 549 -10.91 -13.59 14.17
N TYR A 550 -11.45 -12.39 14.38
CA TYR A 550 -10.64 -11.20 14.75
C TYR A 550 -9.74 -11.54 15.94
N ARG A 551 -10.32 -12.13 16.97
CA ARG A 551 -9.58 -12.40 18.22
C ARG A 551 -8.54 -13.50 17.99
N THR A 552 -8.81 -14.46 17.13
CA THR A 552 -7.78 -15.48 16.78
C THR A 552 -6.58 -14.81 16.10
N TRP A 553 -6.81 -13.97 15.10
CA TRP A 553 -5.71 -13.27 14.42
C TRP A 553 -5.00 -12.34 15.41
N ALA A 554 -5.73 -11.61 16.25
CA ALA A 554 -5.14 -10.73 17.28
C ALA A 554 -4.23 -11.53 18.22
N GLU A 555 -4.65 -12.73 18.59
CA GLU A 555 -3.87 -13.58 19.52
C GLU A 555 -2.62 -14.11 18.82
N LEU A 556 -2.73 -14.47 17.56
CA LEU A 556 -1.55 -14.89 16.77
C LEU A 556 -0.56 -13.72 16.68
N LEU A 557 -1.05 -12.50 16.45
CA LEU A 557 -0.16 -11.34 16.31
C LEU A 557 0.41 -10.94 17.67
N ARG A 558 -0.31 -11.21 18.76
CA ARG A 558 0.26 -10.99 20.12
C ARG A 558 1.40 -11.99 20.36
N LEU A 559 1.20 -13.27 20.03
CA LEU A 559 2.26 -14.29 20.09
C LEU A 559 3.47 -13.80 19.29
N ARG A 560 3.22 -13.31 18.08
CA ARG A 560 4.33 -12.88 17.19
C ARG A 560 5.10 -11.70 17.80
N ARG A 561 4.39 -10.73 18.36
CA ARG A 561 4.94 -9.53 19.03
C ARG A 561 5.77 -9.95 20.24
N GLU A 562 5.33 -10.97 20.98
CA GLU A 562 5.91 -11.33 22.29
C GLU A 562 7.03 -12.36 22.16
N HIS A 563 7.15 -13.05 21.03
CA HIS A 563 8.13 -14.17 20.88
C HIS A 563 8.93 -14.02 19.60
N ALA A 564 10.23 -13.75 19.72
CA ALA A 564 11.14 -13.52 18.57
C ALA A 564 11.10 -14.69 17.58
N VAL A 565 10.80 -15.92 18.03
CA VAL A 565 10.81 -17.09 17.12
C VAL A 565 9.99 -16.77 15.87
N PHE A 566 8.86 -16.07 16.01
CA PHE A 566 7.92 -15.87 14.87
C PHE A 566 8.45 -14.82 13.89
N ARG A 567 9.44 -14.03 14.28
CA ARG A 567 9.85 -12.80 13.55
C ARG A 567 11.30 -12.88 13.05
N SER A 568 12.10 -13.74 13.65
CA SER A 568 13.58 -13.67 13.58
C SER A 568 14.11 -14.31 12.31
N PRO A 569 15.08 -13.65 11.64
CA PRO A 569 15.77 -14.31 10.53
C PRO A 569 16.64 -15.50 10.96
N GLU A 570 16.92 -15.63 12.26
CA GLU A 570 17.72 -16.76 12.82
C GLU A 570 16.83 -17.97 13.09
N THR A 571 15.50 -17.80 13.10
CA THR A 571 14.58 -18.95 13.31
C THR A 571 14.85 -20.02 12.26
N GLN A 572 14.94 -21.29 12.70
CA GLN A 572 15.06 -22.44 11.78
C GLN A 572 13.65 -22.97 11.51
N VAL A 573 13.31 -23.04 10.24
CA VAL A 573 11.94 -23.38 9.79
C VAL A 573 11.97 -24.71 9.07
N ARG A 574 11.03 -25.59 9.41
CA ARG A 574 10.71 -26.77 8.59
C ARG A 574 9.21 -26.74 8.34
N MET A 575 8.79 -27.25 7.20
CA MET A 575 7.35 -27.16 6.88
C MET A 575 6.91 -28.29 5.98
N ARG A 576 5.63 -28.55 6.07
CA ARG A 576 4.90 -29.48 5.21
C ARG A 576 3.67 -28.73 4.74
N LEU A 577 3.80 -27.97 3.66
CA LEU A 577 2.71 -27.08 3.14
C LEU A 577 2.45 -27.39 1.67
N GLN A 578 2.92 -28.53 1.18
CA GLN A 578 2.95 -28.81 -0.28
C GLN A 578 1.55 -28.97 -0.85
N HIS A 579 1.42 -28.70 -2.16
CA HIS A 579 0.25 -29.03 -2.96
C HIS A 579 -0.17 -30.48 -2.69
N GLY A 580 -1.47 -30.74 -2.59
CA GLY A 580 -2.04 -32.08 -2.41
C GLY A 580 -1.83 -32.65 -1.02
N VAL A 581 -1.26 -31.88 -0.09
CA VAL A 581 -1.06 -32.39 1.30
C VAL A 581 -2.07 -31.71 2.22
N PRO A 582 -3.12 -32.42 2.69
CA PRO A 582 -4.09 -31.79 3.60
C PRO A 582 -3.55 -31.61 5.03
N GLY A 583 -2.69 -32.53 5.48
CA GLY A 583 -2.13 -32.53 6.84
C GLY A 583 -0.89 -31.71 6.87
N ARG A 584 -1.04 -30.43 7.19
CA ARG A 584 0.06 -29.44 7.08
C ARG A 584 0.63 -29.05 8.43
N TRP A 585 1.88 -28.65 8.45
CA TRP A 585 2.54 -28.25 9.71
C TRP A 585 3.72 -27.35 9.39
N ILE A 586 4.10 -26.56 10.38
CA ILE A 586 5.31 -25.71 10.41
C ILE A 586 6.00 -25.97 11.74
N SER A 587 7.31 -26.16 11.73
CA SER A 587 8.08 -26.10 12.98
C SER A 587 9.03 -24.91 12.93
N LEU A 588 9.17 -24.25 14.07
CA LEU A 588 10.07 -23.10 14.23
C LEU A 588 10.96 -23.39 15.43
N THR A 589 12.27 -23.22 15.28
CA THR A 589 13.16 -23.28 16.47
C THR A 589 13.95 -21.98 16.53
N HIS A 590 14.06 -21.46 17.73
CA HIS A 590 14.82 -20.25 18.08
C HIS A 590 15.30 -20.42 19.52
N PRO A 591 16.41 -19.79 19.93
CA PRO A 591 16.81 -19.85 21.33
C PRO A 591 15.72 -19.53 22.36
N GLU A 592 14.78 -18.61 22.08
CA GLU A 592 13.80 -18.19 23.13
C GLU A 592 12.59 -19.13 23.12
N LEU A 593 12.34 -19.86 22.04
CA LEU A 593 11.10 -20.68 21.96
C LEU A 593 11.13 -21.58 20.74
N SER A 594 10.52 -22.75 20.86
CA SER A 594 10.23 -23.63 19.70
C SER A 594 8.72 -23.79 19.57
N VAL A 595 8.26 -23.87 18.32
CA VAL A 595 6.82 -23.87 17.97
C VAL A 595 6.54 -24.93 16.94
N VAL A 596 5.40 -25.58 17.06
CA VAL A 596 4.84 -26.39 15.97
C VAL A 596 3.39 -25.99 15.76
N VAL A 597 3.08 -25.62 14.52
CA VAL A 597 1.69 -25.36 14.05
C VAL A 597 1.26 -26.56 13.23
N VAL A 598 0.07 -27.08 13.51
CA VAL A 598 -0.49 -28.23 12.78
C VAL A 598 -1.88 -27.83 12.28
N GLY A 599 -2.24 -28.29 11.10
CA GLY A 599 -3.53 -27.89 10.52
C GLY A 599 -4.06 -28.94 9.60
N ASN A 600 -5.39 -29.03 9.54
CA ASN A 600 -6.10 -29.96 8.64
C ASN A 600 -6.83 -29.14 7.58
N PHE A 601 -6.23 -29.09 6.39
CA PHE A 601 -6.81 -28.37 5.22
C PHE A 601 -7.73 -29.29 4.45
N GLY A 602 -7.91 -30.52 4.94
CA GLY A 602 -8.86 -31.47 4.37
C GLY A 602 -10.29 -31.18 4.76
N LEU A 603 -11.18 -32.14 4.49
CA LEU A 603 -12.65 -32.03 4.62
C LEU A 603 -13.20 -33.09 5.57
N GLU A 604 -12.33 -33.91 6.14
CA GLU A 604 -12.71 -34.97 7.12
C GLU A 604 -11.62 -35.04 8.19
N PRO A 605 -11.90 -35.63 9.38
CA PRO A 605 -10.87 -35.75 10.42
C PRO A 605 -9.64 -36.44 9.84
N LEU A 606 -8.47 -36.00 10.27
CA LEU A 606 -7.18 -36.50 9.75
C LEU A 606 -6.16 -36.49 10.88
N VAL A 607 -5.40 -37.57 11.00
CA VAL A 607 -4.17 -37.56 11.83
C VAL A 607 -3.08 -36.84 11.04
N VAL A 608 -2.59 -35.74 11.58
CA VAL A 608 -1.49 -34.97 10.96
C VAL A 608 -0.27 -35.22 11.83
N THR A 609 0.84 -35.59 11.20
CA THR A 609 2.07 -35.99 11.93
C THR A 609 3.17 -35.00 11.60
N PRO A 610 3.32 -33.94 12.39
CA PRO A 610 4.48 -33.06 12.29
C PRO A 610 5.74 -33.82 12.70
N THR A 611 6.90 -33.32 12.27
CA THR A 611 8.18 -33.64 12.94
C THR A 611 8.45 -32.58 13.97
N PHE A 612 8.20 -32.88 15.24
CA PHE A 612 8.55 -31.99 16.35
C PHE A 612 10.07 -31.87 16.41
N PRO A 613 10.62 -30.68 16.66
CA PRO A 613 12.08 -30.50 16.71
C PRO A 613 12.73 -31.03 18.00
N GLN A 614 11.95 -31.30 19.04
CA GLN A 614 12.50 -31.93 20.28
C GLN A 614 11.39 -32.77 20.91
N THR A 615 11.76 -33.85 21.56
CA THR A 615 10.80 -34.66 22.34
C THR A 615 10.50 -33.94 23.64
N GLY A 616 9.44 -34.35 24.32
CA GLY A 616 9.09 -33.79 25.64
C GLY A 616 7.62 -33.43 25.63
N THR A 617 7.17 -32.71 26.65
CA THR A 617 5.80 -32.19 26.74
C THR A 617 5.75 -30.85 26.00
N TRP A 618 4.79 -30.73 25.09
CA TRP A 618 4.48 -29.48 24.36
C TRP A 618 3.12 -28.97 24.86
N TYR A 619 2.86 -27.68 24.69
CA TYR A 619 1.72 -26.95 25.30
C TYR A 619 0.90 -26.31 24.18
N ASP A 620 -0.36 -26.71 24.11
CA ASP A 620 -1.36 -26.13 23.17
C ASP A 620 -1.71 -24.73 23.64
N TYR A 621 -1.34 -23.70 22.89
CA TYR A 621 -1.51 -22.29 23.29
C TYR A 621 -3.00 -21.92 23.38
N PHE A 622 -3.83 -22.33 22.42
CA PHE A 622 -5.24 -21.90 22.40
C PHE A 622 -6.10 -22.77 23.32
N ASN A 623 -5.80 -24.05 23.46
CA ASN A 623 -6.69 -25.00 24.17
C ASN A 623 -6.22 -25.25 25.60
N GLY A 624 -4.98 -24.94 25.92
CA GLY A 624 -4.48 -25.04 27.31
C GLY A 624 -4.05 -26.45 27.69
N ASP A 625 -4.18 -27.44 26.82
CA ASP A 625 -3.81 -28.83 27.17
C ASP A 625 -2.37 -29.10 26.72
N SER A 626 -1.86 -30.27 27.05
CA SER A 626 -0.50 -30.70 26.73
C SER A 626 -0.52 -31.81 25.68
N LEU A 627 0.64 -32.04 25.09
CA LEU A 627 0.87 -33.10 24.10
C LEU A 627 2.21 -33.73 24.47
N VAL A 628 2.23 -35.05 24.69
CA VAL A 628 3.50 -35.74 24.98
C VAL A 628 4.09 -36.20 23.65
N VAL A 629 5.31 -35.77 23.40
CA VAL A 629 6.04 -36.13 22.15
C VAL A 629 7.21 -37.01 22.58
N ASP A 630 7.09 -38.33 22.46
CA ASP A 630 8.26 -39.19 22.79
C ASP A 630 8.89 -39.70 21.50
N ASP A 631 8.21 -39.51 20.37
CA ASP A 631 8.70 -39.75 19.00
C ASP A 631 8.55 -38.42 18.28
N PRO A 632 9.62 -37.82 17.71
CA PRO A 632 9.49 -36.54 17.02
C PRO A 632 8.30 -36.55 16.04
N ASN A 633 8.06 -37.67 15.38
CA ASN A 633 6.90 -37.85 14.47
C ASN A 633 5.72 -38.30 15.32
N THR A 634 4.95 -37.35 15.83
CA THR A 634 3.78 -37.57 16.72
C THR A 634 2.51 -37.19 15.95
N GLY A 635 1.59 -38.14 15.81
CA GLY A 635 0.30 -37.91 15.13
C GLY A 635 -0.66 -37.16 16.01
N ILE A 636 -1.40 -36.20 15.45
CA ILE A 636 -2.45 -35.44 16.16
C ILE A 636 -3.72 -35.50 15.33
N GLU A 637 -4.81 -36.06 15.85
CA GLU A 637 -6.08 -36.10 15.11
C GLU A 637 -6.73 -34.71 15.15
N LEU A 638 -6.98 -34.16 13.97
CA LEU A 638 -7.58 -32.81 13.84
C LEU A 638 -8.89 -32.93 13.07
N LEU A 639 -9.89 -32.15 13.49
CA LEU A 639 -11.11 -31.94 12.71
C LEU A 639 -10.77 -31.16 11.44
N PRO A 640 -11.55 -31.31 10.35
CA PRO A 640 -11.35 -30.48 9.17
C PRO A 640 -11.46 -28.98 9.53
N GLY A 641 -10.48 -28.20 9.06
CA GLY A 641 -10.38 -26.76 9.29
C GLY A 641 -9.73 -26.42 10.62
N GLU A 642 -9.34 -27.41 11.42
CA GLU A 642 -8.77 -27.16 12.77
C GLU A 642 -7.27 -26.90 12.66
N PHE A 643 -6.75 -26.00 13.48
CA PHE A 643 -5.30 -25.85 13.71
C PHE A 643 -5.05 -25.97 15.20
N ARG A 644 -3.84 -26.35 15.53
CA ARG A 644 -3.32 -26.20 16.89
C ARG A 644 -1.91 -25.61 16.82
N LEU A 645 -1.57 -24.82 17.80
CA LEU A 645 -0.22 -24.22 17.94
C LEU A 645 0.36 -24.68 19.28
N TYR A 646 1.50 -25.36 19.20
CA TYR A 646 2.20 -25.93 20.37
C TYR A 646 3.53 -25.21 20.59
N THR A 647 3.88 -25.02 21.84
CA THR A 647 5.19 -24.45 22.23
C THR A 647 5.91 -25.46 23.11
N ASN A 648 7.24 -25.38 23.11
CA ASN A 648 8.08 -26.38 23.79
C ASN A 648 8.19 -26.03 25.27
N ARG A 649 7.66 -24.89 25.68
CA ARG A 649 7.54 -24.50 27.11
C ARG A 649 6.24 -23.73 27.28
N TYR A 650 5.72 -23.71 28.49
CA TYR A 650 4.44 -23.03 28.77
C TYR A 650 4.65 -21.53 28.70
N VAL A 651 3.86 -20.84 27.85
CA VAL A 651 3.97 -19.37 27.64
C VAL A 651 2.61 -18.72 27.85
N GLY A 652 1.71 -19.36 28.60
CA GLY A 652 0.36 -18.82 28.83
C GLY A 652 -0.67 -19.47 27.91
N GLN A 653 -1.80 -18.81 27.76
CA GLN A 653 -2.95 -19.34 26.98
C GLN A 653 -3.59 -18.16 26.26
N ALA A 654 -4.16 -18.41 25.09
CA ALA A 654 -5.01 -17.43 24.38
C ALA A 654 -6.13 -17.03 25.34
N GLU A 655 -6.56 -15.77 25.29
CA GLU A 655 -7.60 -15.22 26.21
C GLU A 655 -8.98 -15.68 25.71
#